data_7L4T
#
_entry.id   7L4T
#
_cell.length_a   91.818
_cell.length_b   127.378
_cell.length_c   136.084
_cell.angle_alpha   90.000
_cell.angle_beta   90.000
_cell.angle_gamma   90.000
#
_symmetry.space_group_name_H-M   'I 2 2 2'
#
loop_
_entity.id
_entity.type
_entity.pdbx_description
1 polymer 'Monoglyceride lipase'
2 non-polymer 6-{4-[(2-chloro-4-fluorophenoxy)methyl]piperidine-1-carbonyl}-2H-1,4-benzoxazin-3(4H)-one
3 non-polymer 'ACETATE ION'
4 non-polymer (4S)-2-METHYL-2,4-PENTANEDIOL
5 water water
#
_entity_poly.entity_id   1
_entity_poly.type   'polypeptide(L)'
_entity_poly.pdbx_seq_one_letter_code
;MHHHHHHGSENLYFQGSMPEESSPRRTPQSIPYQDLPHLVNADGQYLFCRYWAPTGTPKALIFVSHGAGEHSGRYEELAR
MLMGLDLLVFAHDHVGHGQSEGERMVVSDFHVFVRDVLQHVDSMQKDYPGLPVFLLGHSMGGAIAILTAAERPGHFAGMV
LISPLVLANPESATTFKVLAAKVLNSVLPNLSSGPIDSSVLSRNKTEVDIYNSDPLICRAGLKVCFGIQLLNAVSRVERA
LPKLTVPFLLLQGSADRLCDSKGAYLLMELAKSQDKTLKIYEGAYHVLHKELPEVTNSVFHEINMWVSQRTATAGTASPP
;
_entity_poly.pdbx_strand_id   A,B
#
loop_
_chem_comp.id
_chem_comp.type
_chem_comp.name
_chem_comp.formula
ACT non-polymer 'ACETATE ION' 'C2 H3 O2 -1'
MPD non-polymer (4S)-2-METHYL-2,4-PENTANEDIOL 'C6 H14 O2'
XPD non-polymer 6-{4-[(2-chloro-4-fluorophenoxy)methyl]piperidine-1-carbonyl}-2H-1,4-benzoxazin-3(4H)-one 'C21 H20 Cl F N2 O4'
#
# COMPACT_ATOMS: atom_id res chain seq x y z
N PRO A 24 -9.89 12.68 15.92
CA PRO A 24 -10.22 11.34 15.39
C PRO A 24 -11.05 11.47 14.11
N ARG A 25 -10.58 10.80 13.04
CA ARG A 25 -11.16 10.92 11.70
C ARG A 25 -12.53 10.21 11.68
N ARG A 26 -13.50 10.88 11.07
CA ARG A 26 -14.85 10.37 10.93
C ARG A 26 -15.21 10.23 9.46
N THR A 27 -16.13 9.30 9.16
CA THR A 27 -16.72 9.16 7.83
C THR A 27 -17.45 10.47 7.52
N PRO A 28 -17.81 10.75 6.25
CA PRO A 28 -18.63 11.92 5.94
C PRO A 28 -19.99 11.90 6.67
N GLN A 29 -20.40 10.72 7.18
CA GLN A 29 -21.64 10.57 7.91
C GLN A 29 -21.37 10.58 9.42
N SER A 30 -20.15 10.97 9.82
CA SER A 30 -19.79 11.33 11.19
C SER A 30 -19.56 10.12 12.10
N ILE A 31 -19.32 8.94 11.52
CA ILE A 31 -18.94 7.76 12.29
C ILE A 31 -17.41 7.66 12.34
N PRO A 32 -16.77 7.54 13.53
CA PRO A 32 -15.31 7.44 13.59
C PRO A 32 -14.78 6.21 12.85
N TYR A 33 -13.69 6.41 12.09
CA TYR A 33 -13.10 5.31 11.33
C TYR A 33 -12.59 4.24 12.29
N GLN A 34 -12.27 4.63 13.54
CA GLN A 34 -11.79 3.67 14.50
C GLN A 34 -12.89 2.65 14.85
N ASP A 35 -14.13 2.94 14.44
CA ASP A 35 -15.24 2.05 14.76
C ASP A 35 -15.53 1.11 13.59
N LEU A 36 -14.85 1.31 12.46
CA LEU A 36 -15.17 0.64 11.21
C LEU A 36 -13.92 0.00 10.62
N PRO A 37 -14.05 -1.12 9.88
CA PRO A 37 -12.92 -1.62 9.08
C PRO A 37 -12.59 -0.54 8.07
N HIS A 38 -11.30 -0.23 7.92
CA HIS A 38 -10.85 0.82 7.02
C HIS A 38 -9.41 0.56 6.59
N LEU A 39 -8.97 1.33 5.58
CA LEU A 39 -7.56 1.42 5.24
C LEU A 39 -7.27 2.88 4.92
N VAL A 40 -5.99 3.23 4.82
CA VAL A 40 -5.62 4.59 4.45
C VAL A 40 -4.81 4.50 3.16
N ASN A 41 -5.21 5.26 2.14
CA ASN A 41 -4.67 5.13 0.80
C ASN A 41 -3.38 5.95 0.72
N ALA A 42 -2.72 5.88 -0.43
CA ALA A 42 -1.42 6.50 -0.57
C ALA A 42 -1.53 8.02 -0.44
N ASP A 43 -2.73 8.57 -0.60
CA ASP A 43 -2.94 10.02 -0.53
C ASP A 43 -3.31 10.43 0.91
N GLY A 44 -3.25 9.47 1.84
CA GLY A 44 -3.60 9.75 3.22
C GLY A 44 -5.11 9.83 3.46
N GLN A 45 -5.91 9.35 2.49
CA GLN A 45 -7.36 9.36 2.63
C GLN A 45 -7.85 8.04 3.21
N TYR A 46 -8.89 8.11 4.05
CA TYR A 46 -9.43 6.92 4.68
C TYR A 46 -10.47 6.34 3.74
N LEU A 47 -10.38 5.03 3.46
CA LEU A 47 -11.39 4.33 2.70
C LEU A 47 -12.05 3.31 3.62
N PHE A 48 -13.39 3.24 3.57
CA PHE A 48 -14.16 2.33 4.39
C PHE A 48 -14.13 0.95 3.76
N CYS A 49 -13.87 -0.09 4.55
CA CYS A 49 -13.72 -1.45 4.03
C CYS A 49 -14.84 -2.37 4.51
N ARG A 50 -15.10 -3.40 3.70
CA ARG A 50 -16.18 -4.34 3.93
C ARG A 50 -15.65 -5.75 3.62
N TYR A 51 -15.95 -6.71 4.52
CA TYR A 51 -15.48 -8.08 4.40
C TYR A 51 -16.65 -9.04 4.61
N TRP A 52 -16.60 -10.16 3.87
CA TRP A 52 -17.46 -11.31 4.09
C TRP A 52 -16.62 -12.58 4.06
N ALA A 53 -16.34 -13.13 5.25
CA ALA A 53 -15.35 -14.20 5.40
C ALA A 53 -16.05 -15.52 5.70
N PRO A 54 -15.71 -16.62 4.98
CA PRO A 54 -16.31 -17.93 5.25
C PRO A 54 -15.71 -18.53 6.52
N THR A 55 -16.24 -19.68 6.96
CA THR A 55 -15.64 -20.43 8.05
C THR A 55 -14.41 -21.17 7.53
N GLY A 56 -13.31 -21.14 8.30
CA GLY A 56 -12.08 -21.83 7.95
C GLY A 56 -11.38 -21.22 6.73
N THR A 57 -10.57 -22.04 6.04
CA THR A 57 -9.71 -21.58 4.95
C THR A 57 -10.54 -21.30 3.71
N PRO A 58 -10.49 -20.05 3.18
CA PRO A 58 -11.13 -19.73 1.89
C PRO A 58 -10.38 -20.32 0.70
N LYS A 59 -11.12 -20.67 -0.35
CA LYS A 59 -10.57 -21.25 -1.56
C LYS A 59 -9.92 -20.17 -2.43
N ALA A 60 -10.41 -18.92 -2.33
CA ALA A 60 -9.95 -17.82 -3.18
C ALA A 60 -10.38 -16.48 -2.58
N LEU A 61 -9.77 -15.41 -3.12
CA LEU A 61 -10.10 -14.02 -2.81
C LEU A 61 -10.83 -13.39 -4.00
N ILE A 62 -11.75 -12.47 -3.72
CA ILE A 62 -12.43 -11.73 -4.76
C ILE A 62 -12.74 -10.33 -4.25
N PHE A 63 -12.24 -9.32 -4.99
CA PHE A 63 -12.56 -7.93 -4.70
C PHE A 63 -13.80 -7.52 -5.49
N VAL A 64 -14.70 -6.79 -4.82
CA VAL A 64 -15.89 -6.24 -5.44
C VAL A 64 -15.69 -4.74 -5.59
N SER A 65 -15.84 -4.27 -6.83
CA SER A 65 -15.58 -2.89 -7.24
C SER A 65 -16.86 -2.22 -7.72
N HIS A 66 -17.42 -1.31 -6.89
CA HIS A 66 -18.71 -0.70 -7.21
C HIS A 66 -18.57 0.38 -8.28
N GLY A 67 -19.73 0.86 -8.75
CA GLY A 67 -19.85 1.86 -9.80
C GLY A 67 -19.86 3.29 -9.26
N ALA A 68 -19.95 4.25 -10.19
CA ALA A 68 -19.97 5.66 -9.86
C ALA A 68 -21.20 5.98 -9.03
N GLY A 69 -21.03 6.83 -8.00
CA GLY A 69 -22.14 7.30 -7.21
C GLY A 69 -22.61 6.29 -6.16
N GLU A 70 -22.27 5.01 -6.33
CA GLU A 70 -22.76 4.02 -5.37
C GLU A 70 -21.71 3.72 -4.29
N HIS A 71 -21.81 2.55 -3.64
CA HIS A 71 -20.94 2.16 -2.55
C HIS A 71 -20.97 0.64 -2.41
N SER A 72 -20.09 0.08 -1.57
CA SER A 72 -19.89 -1.36 -1.41
C SER A 72 -21.06 -2.07 -0.74
N GLY A 73 -21.88 -1.31 0.02
CA GLY A 73 -23.01 -1.89 0.73
C GLY A 73 -24.03 -2.52 -0.21
N ARG A 74 -24.05 -2.05 -1.45
CA ARG A 74 -25.00 -2.53 -2.45
C ARG A 74 -24.60 -3.90 -3.00
N TYR A 75 -23.57 -4.53 -2.42
CA TYR A 75 -23.15 -5.82 -2.95
C TYR A 75 -23.31 -6.93 -1.91
N GLU A 76 -24.12 -6.66 -0.88
CA GLU A 76 -24.39 -7.57 0.23
C GLU A 76 -24.76 -8.96 -0.27
N GLU A 77 -25.83 -9.04 -1.09
CA GLU A 77 -26.37 -10.31 -1.55
C GLU A 77 -25.33 -11.10 -2.33
N LEU A 78 -24.76 -10.45 -3.36
CA LEU A 78 -23.76 -11.05 -4.24
C LEU A 78 -22.60 -11.57 -3.40
N ALA A 79 -22.12 -10.70 -2.50
CA ALA A 79 -20.98 -11.01 -1.66
C ALA A 79 -21.29 -12.21 -0.76
N ARG A 80 -22.51 -12.28 -0.22
CA ARG A 80 -22.93 -13.37 0.66
C ARG A 80 -22.96 -14.71 -0.10
N MET A 81 -23.48 -14.67 -1.34
CA MET A 81 -23.54 -15.84 -2.19
C MET A 81 -22.12 -16.35 -2.49
N LEU A 82 -21.18 -15.42 -2.70
CA LEU A 82 -19.81 -15.77 -3.05
C LEU A 82 -19.07 -16.34 -1.85
N MET A 83 -19.40 -15.82 -0.65
CA MET A 83 -18.84 -16.31 0.59
C MET A 83 -19.33 -17.74 0.81
N GLY A 84 -20.58 -17.99 0.43
CA GLY A 84 -21.18 -19.31 0.40
C GLY A 84 -20.34 -20.34 -0.37
N LEU A 85 -19.53 -19.89 -1.34
CA LEU A 85 -18.71 -20.77 -2.15
C LEU A 85 -17.32 -20.93 -1.53
N ASP A 86 -17.13 -20.36 -0.34
CA ASP A 86 -15.89 -20.46 0.41
C ASP A 86 -14.86 -19.49 -0.14
N LEU A 87 -15.33 -18.37 -0.73
CA LEU A 87 -14.44 -17.29 -1.08
C LEU A 87 -14.47 -16.20 -0.01
N LEU A 88 -13.30 -15.60 0.26
CA LEU A 88 -13.19 -14.38 1.05
C LEU A 88 -13.42 -13.17 0.16
N VAL A 89 -14.59 -12.53 0.34
CA VAL A 89 -15.00 -11.37 -0.40
C VAL A 89 -14.58 -10.12 0.37
N PHE A 90 -13.97 -9.18 -0.35
CA PHE A 90 -13.55 -7.92 0.26
C PHE A 90 -13.88 -6.78 -0.70
N ALA A 91 -14.05 -5.57 -0.15
CA ALA A 91 -14.38 -4.39 -0.92
C ALA A 91 -14.02 -3.15 -0.09
N HIS A 92 -13.90 -2.03 -0.79
CA HIS A 92 -13.89 -0.73 -0.15
C HIS A 92 -14.73 0.23 -0.98
N ASP A 93 -15.09 1.37 -0.41
CA ASP A 93 -15.78 2.43 -1.13
C ASP A 93 -14.68 3.28 -1.77
N HIS A 94 -14.77 3.49 -3.09
CA HIS A 94 -13.78 4.27 -3.82
C HIS A 94 -13.69 5.66 -3.19
N VAL A 95 -12.54 6.35 -3.29
CA VAL A 95 -12.49 7.70 -2.76
C VAL A 95 -13.67 8.48 -3.34
N GLY A 96 -14.28 9.31 -2.49
CA GLY A 96 -15.35 10.19 -2.89
C GLY A 96 -16.68 9.44 -3.01
N HIS A 97 -16.73 8.24 -2.45
CA HIS A 97 -17.94 7.43 -2.46
C HIS A 97 -18.24 6.93 -1.05
N GLY A 98 -19.52 6.63 -0.78
CA GLY A 98 -19.96 5.88 0.39
C GLY A 98 -19.45 6.46 1.71
N GLN A 99 -18.82 5.58 2.51
CA GLN A 99 -18.30 5.95 3.81
C GLN A 99 -16.82 6.30 3.74
N SER A 100 -16.27 6.44 2.53
CA SER A 100 -14.88 6.83 2.35
C SER A 100 -14.77 8.36 2.29
N GLU A 101 -13.54 8.87 2.47
CA GLU A 101 -13.30 10.31 2.44
C GLU A 101 -13.24 10.82 1.00
N GLY A 102 -13.24 12.15 0.87
CA GLY A 102 -13.10 12.83 -0.41
C GLY A 102 -14.42 13.48 -0.84
N GLU A 103 -14.29 14.59 -1.56
CA GLU A 103 -15.42 15.30 -2.14
C GLU A 103 -16.18 14.34 -3.05
N ARG A 104 -17.51 14.31 -2.93
CA ARG A 104 -18.38 13.35 -3.58
C ARG A 104 -18.10 13.33 -5.09
N MET A 105 -17.79 12.13 -5.62
CA MET A 105 -17.73 11.85 -7.04
C MET A 105 -16.82 12.82 -7.78
N VAL A 106 -15.61 12.95 -7.24
CA VAL A 106 -14.54 13.74 -7.81
C VAL A 106 -13.27 12.91 -7.59
N VAL A 107 -12.29 12.99 -8.49
CA VAL A 107 -11.02 12.34 -8.24
C VAL A 107 -9.94 13.07 -9.02
N SER A 108 -8.71 13.08 -8.50
CA SER A 108 -7.64 13.83 -9.14
C SER A 108 -7.27 13.18 -10.49
N ASP A 109 -7.12 11.86 -10.50
CA ASP A 109 -6.98 11.13 -11.75
C ASP A 109 -7.63 9.76 -11.56
N PHE A 110 -8.22 9.21 -12.61
CA PHE A 110 -8.87 7.91 -12.54
C PHE A 110 -7.98 6.83 -11.91
N HIS A 111 -6.65 6.91 -12.10
CA HIS A 111 -5.78 5.83 -11.67
C HIS A 111 -5.81 5.63 -10.15
N VAL A 112 -6.15 6.68 -9.41
CA VAL A 112 -6.29 6.61 -7.96
C VAL A 112 -7.12 5.39 -7.60
N PHE A 113 -8.25 5.23 -8.29
CA PHE A 113 -9.15 4.13 -8.00
C PHE A 113 -8.43 2.79 -8.20
N VAL A 114 -7.61 2.70 -9.25
CA VAL A 114 -6.90 1.47 -9.57
C VAL A 114 -5.82 1.22 -8.52
N ARG A 115 -5.03 2.27 -8.23
CA ARG A 115 -3.96 2.23 -7.24
C ARG A 115 -4.53 1.69 -5.92
N ASP A 116 -5.69 2.22 -5.53
CA ASP A 116 -6.30 1.88 -4.25
C ASP A 116 -6.78 0.43 -4.22
N VAL A 117 -7.38 -0.05 -5.31
CA VAL A 117 -7.77 -1.45 -5.39
C VAL A 117 -6.54 -2.34 -5.20
N LEU A 118 -5.44 -2.00 -5.89
CA LEU A 118 -4.21 -2.76 -5.80
C LEU A 118 -3.67 -2.79 -4.36
N GLN A 119 -3.76 -1.68 -3.63
CA GLN A 119 -3.28 -1.65 -2.26
C GLN A 119 -4.06 -2.65 -1.41
N HIS A 120 -5.39 -2.64 -1.56
CA HIS A 120 -6.25 -3.53 -0.79
C HIS A 120 -5.93 -4.99 -1.16
N VAL A 121 -5.84 -5.27 -2.47
CA VAL A 121 -5.55 -6.61 -2.96
C VAL A 121 -4.22 -7.10 -2.37
N ASP A 122 -3.19 -6.27 -2.48
CA ASP A 122 -1.87 -6.59 -1.95
C ASP A 122 -1.96 -6.93 -0.45
N SER A 123 -2.80 -6.20 0.29
CA SER A 123 -2.93 -6.42 1.72
C SER A 123 -3.52 -7.80 2.01
N MET A 124 -4.61 -8.13 1.32
CA MET A 124 -5.32 -9.37 1.53
C MET A 124 -4.45 -10.56 1.11
N GLN A 125 -3.60 -10.35 0.09
CA GLN A 125 -2.73 -11.42 -0.36
C GLN A 125 -1.64 -11.68 0.67
N LYS A 126 -1.10 -10.61 1.28
CA LYS A 126 -0.18 -10.74 2.40
C LYS A 126 -0.79 -11.66 3.45
N ASP A 127 -2.06 -11.39 3.81
CA ASP A 127 -2.74 -12.07 4.90
C ASP A 127 -3.16 -13.47 4.47
N TYR A 128 -3.59 -13.66 3.22
CA TYR A 128 -4.00 -14.99 2.77
C TYR A 128 -3.22 -15.39 1.52
N PRO A 129 -1.94 -15.79 1.66
CA PRO A 129 -1.04 -15.97 0.52
C PRO A 129 -1.34 -17.29 -0.19
N GLY A 130 -0.82 -17.42 -1.41
CA GLY A 130 -1.04 -18.59 -2.24
C GLY A 130 -2.48 -18.76 -2.72
N LEU A 131 -3.37 -17.82 -2.41
CA LEU A 131 -4.74 -17.97 -2.87
C LEU A 131 -4.93 -17.23 -4.20
N PRO A 132 -5.69 -17.79 -5.17
CA PRO A 132 -6.06 -17.05 -6.37
C PRO A 132 -6.95 -15.86 -5.98
N VAL A 133 -6.87 -14.79 -6.78
CA VAL A 133 -7.63 -13.57 -6.55
C VAL A 133 -8.40 -13.19 -7.81
N PHE A 134 -9.68 -12.89 -7.60
CA PHE A 134 -10.63 -12.50 -8.65
C PHE A 134 -11.07 -11.05 -8.41
N LEU A 135 -11.61 -10.45 -9.47
CA LEU A 135 -12.19 -9.12 -9.46
C LEU A 135 -13.61 -9.20 -9.98
N LEU A 136 -14.53 -8.55 -9.26
CA LEU A 136 -15.87 -8.36 -9.75
C LEU A 136 -16.17 -6.85 -9.77
N GLY A 137 -16.64 -6.38 -10.93
CA GLY A 137 -16.87 -4.96 -11.11
C GLY A 137 -18.16 -4.71 -11.88
N HIS A 138 -18.87 -3.66 -11.47
CA HIS A 138 -20.03 -3.20 -12.20
C HIS A 138 -19.79 -1.77 -12.68
N SER A 139 -20.06 -1.56 -13.97
CA SER A 139 -20.09 -0.21 -14.54
C SER A 139 -18.71 0.45 -14.42
N MET A 140 -18.64 1.62 -13.77
CA MET A 140 -17.37 2.28 -13.52
C MET A 140 -16.39 1.32 -12.82
N GLY A 141 -16.90 0.55 -11.86
CA GLY A 141 -16.12 -0.43 -11.12
C GLY A 141 -15.60 -1.52 -12.04
N GLY A 142 -16.35 -1.75 -13.13
CA GLY A 142 -15.93 -2.67 -14.18
C GLY A 142 -14.72 -2.15 -14.96
N ALA A 143 -14.72 -0.85 -15.26
CA ALA A 143 -13.55 -0.20 -15.85
C ALA A 143 -12.37 -0.29 -14.88
N ILE A 144 -12.63 -0.05 -13.59
CA ILE A 144 -11.53 -0.10 -12.62
C ILE A 144 -10.91 -1.50 -12.63
N ALA A 145 -11.77 -2.53 -12.65
CA ALA A 145 -11.35 -3.92 -12.61
C ALA A 145 -10.51 -4.27 -13.83
N ILE A 146 -10.94 -3.81 -15.02
CA ILE A 146 -10.19 -4.05 -16.24
C ILE A 146 -8.79 -3.45 -16.12
N LEU A 147 -8.72 -2.19 -15.63
CA LEU A 147 -7.45 -1.47 -15.58
C LEU A 147 -6.52 -2.07 -14.52
N THR A 148 -7.11 -2.57 -13.43
CA THR A 148 -6.36 -3.25 -12.39
C THR A 148 -5.69 -4.50 -12.99
N ALA A 149 -6.48 -5.30 -13.71
CA ALA A 149 -5.94 -6.51 -14.31
C ALA A 149 -4.87 -6.17 -15.35
N ALA A 150 -5.10 -5.13 -16.17
CA ALA A 150 -4.11 -4.74 -17.18
C ALA A 150 -2.80 -4.29 -16.52
N GLU A 151 -2.88 -3.77 -15.30
CA GLU A 151 -1.70 -3.24 -14.64
C GLU A 151 -0.82 -4.36 -14.06
N ARG A 152 -1.41 -5.55 -13.85
CA ARG A 152 -0.68 -6.72 -13.36
C ARG A 152 -1.01 -7.91 -14.28
N PRO A 153 -0.49 -7.96 -15.53
CA PRO A 153 -0.87 -9.02 -16.46
C PRO A 153 -0.59 -10.39 -15.86
N GLY A 154 -1.60 -11.25 -15.91
CA GLY A 154 -1.37 -12.65 -15.60
C GLY A 154 -1.62 -12.93 -14.13
N HIS A 155 -1.93 -11.88 -13.35
CA HIS A 155 -1.98 -12.01 -11.91
C HIS A 155 -3.35 -12.46 -11.39
N PHE A 156 -4.44 -11.93 -11.95
CA PHE A 156 -5.76 -12.32 -11.46
C PHE A 156 -6.23 -13.61 -12.15
N ALA A 157 -6.94 -14.43 -11.36
CA ALA A 157 -7.46 -15.71 -11.84
C ALA A 157 -8.71 -15.48 -12.68
N GLY A 158 -9.41 -14.36 -12.46
CA GLY A 158 -10.62 -14.11 -13.22
C GLY A 158 -11.24 -12.76 -12.88
N MET A 159 -12.19 -12.36 -13.73
CA MET A 159 -12.88 -11.08 -13.67
C MET A 159 -14.34 -11.33 -14.01
N VAL A 160 -15.24 -10.78 -13.18
CA VAL A 160 -16.66 -10.83 -13.47
C VAL A 160 -17.13 -9.39 -13.71
N LEU A 161 -17.60 -9.12 -14.93
CA LEU A 161 -17.92 -7.77 -15.34
C LEU A 161 -19.42 -7.64 -15.53
N ILE A 162 -20.06 -6.80 -14.71
CA ILE A 162 -21.47 -6.51 -14.87
C ILE A 162 -21.64 -5.15 -15.54
N SER A 163 -22.02 -5.17 -16.82
CA SER A 163 -22.23 -3.98 -17.63
C SER A 163 -21.13 -2.95 -17.35
N PRO A 164 -19.86 -3.27 -17.69
CA PRO A 164 -18.74 -2.40 -17.36
C PRO A 164 -18.75 -1.17 -18.26
N LEU A 165 -18.23 -0.06 -17.72
CA LEU A 165 -18.02 1.15 -18.48
C LEU A 165 -16.90 0.90 -19.49
N VAL A 166 -17.25 0.91 -20.77
CA VAL A 166 -16.30 0.47 -21.80
C VAL A 166 -16.23 1.50 -22.93
N LEU A 167 -17.35 2.13 -23.29
CA LEU A 167 -17.22 3.20 -24.26
C LEU A 167 -18.03 4.43 -23.87
N ALA A 168 -17.59 5.56 -24.43
CA ALA A 168 -18.23 6.85 -24.22
C ALA A 168 -19.57 6.85 -24.95
N ASN A 169 -20.59 7.43 -24.30
CA ASN A 169 -21.88 7.66 -24.95
C ASN A 169 -21.66 8.52 -26.20
N PRO A 170 -22.18 8.09 -27.37
CA PRO A 170 -21.78 8.69 -28.66
C PRO A 170 -21.96 10.20 -28.81
N GLU A 171 -22.95 10.79 -28.12
CA GLU A 171 -23.26 12.21 -28.19
C GLU A 171 -22.49 13.00 -27.13
N SER A 172 -22.07 12.30 -26.07
CA SER A 172 -21.27 12.88 -25.00
C SER A 172 -19.79 12.91 -25.41
N ALA A 173 -19.45 12.12 -26.43
CA ALA A 173 -18.07 11.97 -26.88
C ALA A 173 -17.80 12.86 -28.09
N THR A 174 -18.83 13.60 -28.54
CA THR A 174 -18.70 14.53 -29.65
C THR A 174 -17.56 15.50 -29.35
N THR A 175 -16.58 15.56 -30.27
CA THR A 175 -15.35 16.32 -30.08
C THR A 175 -15.66 17.74 -29.62
N PHE A 176 -16.89 18.19 -29.91
CA PHE A 176 -17.40 19.50 -29.51
C PHE A 176 -17.50 19.59 -27.99
N LYS A 177 -18.29 18.68 -27.39
CA LYS A 177 -18.54 18.69 -25.95
C LYS A 177 -17.28 18.32 -25.18
N VAL A 178 -16.44 17.46 -25.76
CA VAL A 178 -15.20 17.02 -25.15
C VAL A 178 -14.22 18.20 -25.11
N LEU A 179 -14.27 19.05 -26.14
CA LEU A 179 -13.48 20.26 -26.16
C LEU A 179 -14.03 21.23 -25.12
N ALA A 180 -15.36 21.39 -25.12
CA ALA A 180 -16.07 22.27 -24.21
C ALA A 180 -15.75 21.91 -22.76
N ALA A 181 -15.76 20.61 -22.46
CA ALA A 181 -15.53 20.13 -21.10
C ALA A 181 -14.10 20.45 -20.65
N LYS A 182 -13.13 20.23 -21.56
CA LYS A 182 -11.73 20.45 -21.23
C LYS A 182 -11.49 21.93 -20.92
N VAL A 183 -12.14 22.82 -21.69
CA VAL A 183 -12.05 24.26 -21.53
C VAL A 183 -12.66 24.66 -20.18
N LEU A 184 -13.88 24.19 -19.93
CA LEU A 184 -14.62 24.52 -18.73
C LEU A 184 -13.86 24.07 -17.48
N ASN A 185 -13.18 22.92 -17.57
CA ASN A 185 -12.57 22.27 -16.42
C ASN A 185 -11.43 23.12 -15.85
N SER A 186 -10.83 23.97 -16.68
CA SER A 186 -9.75 24.84 -16.24
C SER A 186 -10.29 26.12 -15.59
N VAL A 187 -11.54 26.48 -15.90
CA VAL A 187 -12.16 27.69 -15.38
C VAL A 187 -13.21 27.36 -14.31
N LEU A 188 -14.14 26.44 -14.60
CA LEU A 188 -15.18 26.05 -13.66
C LEU A 188 -15.36 24.53 -13.69
N PRO A 189 -14.61 23.75 -12.87
CA PRO A 189 -14.73 22.29 -12.89
C PRO A 189 -15.95 21.74 -12.14
N ASN A 190 -16.52 22.58 -11.26
CA ASN A 190 -17.63 22.19 -10.39
C ASN A 190 -18.96 22.62 -11.00
N LEU A 191 -19.00 22.77 -12.33
CA LEU A 191 -20.26 22.75 -13.04
C LEU A 191 -20.59 21.29 -13.27
N SER A 192 -21.89 20.97 -13.31
CA SER A 192 -22.31 19.59 -13.45
C SER A 192 -23.40 19.46 -14.51
N SER A 193 -23.60 18.24 -15.01
CA SER A 193 -24.71 17.96 -15.89
C SER A 193 -25.83 17.31 -15.09
N GLY A 194 -26.85 16.77 -15.78
CA GLY A 194 -28.07 16.34 -15.14
C GLY A 194 -27.88 15.13 -14.23
N PRO A 195 -28.70 14.98 -13.16
CA PRO A 195 -28.83 13.68 -12.50
C PRO A 195 -29.38 12.68 -13.52
N ILE A 196 -28.86 11.45 -13.47
CA ILE A 196 -29.42 10.37 -14.26
C ILE A 196 -30.89 10.17 -13.89
N ASP A 197 -31.70 9.77 -14.86
CA ASP A 197 -33.05 9.32 -14.59
C ASP A 197 -32.97 7.91 -14.00
N SER A 198 -33.34 7.79 -12.72
CA SER A 198 -33.04 6.59 -11.96
C SER A 198 -33.80 5.38 -12.53
N SER A 199 -34.84 5.63 -13.32
CA SER A 199 -35.69 4.55 -13.79
C SER A 199 -35.03 3.79 -14.96
N VAL A 200 -33.89 4.29 -15.42
CA VAL A 200 -33.13 3.60 -16.45
C VAL A 200 -32.19 2.56 -15.83
N LEU A 201 -32.06 2.56 -14.49
CA LEU A 201 -31.15 1.65 -13.81
C LEU A 201 -31.70 0.23 -13.80
N SER A 202 -33.01 0.07 -13.60
CA SER A 202 -33.62 -1.24 -13.40
C SER A 202 -35.11 -1.20 -13.72
N ARG A 203 -35.61 -2.27 -14.35
CA ARG A 203 -37.03 -2.44 -14.61
C ARG A 203 -37.73 -2.80 -13.29
N ASN A 204 -36.95 -3.24 -12.31
CA ASN A 204 -37.44 -3.61 -11.00
C ASN A 204 -37.62 -2.33 -10.18
N LYS A 205 -38.89 -1.90 -10.05
CA LYS A 205 -39.23 -0.59 -9.54
C LYS A 205 -38.98 -0.55 -8.04
N THR A 206 -39.00 -1.73 -7.40
CA THR A 206 -38.64 -1.86 -5.99
C THR A 206 -37.19 -1.43 -5.80
N GLU A 207 -36.32 -1.88 -6.70
CA GLU A 207 -34.89 -1.64 -6.65
C GLU A 207 -34.59 -0.18 -6.93
N VAL A 208 -35.36 0.43 -7.85
CA VAL A 208 -35.28 1.84 -8.17
C VAL A 208 -35.53 2.68 -6.92
N ASP A 209 -36.55 2.26 -6.14
CA ASP A 209 -36.94 2.97 -4.92
C ASP A 209 -35.80 2.93 -3.91
N ILE A 210 -35.23 1.73 -3.71
CA ILE A 210 -34.10 1.54 -2.80
C ILE A 210 -32.93 2.43 -3.23
N TYR A 211 -32.60 2.44 -4.52
CA TYR A 211 -31.56 3.33 -5.04
C TYR A 211 -31.85 4.77 -4.60
N ASN A 212 -33.11 5.18 -4.74
CA ASN A 212 -33.49 6.56 -4.52
C ASN A 212 -33.48 6.92 -3.03
N SER A 213 -33.48 5.91 -2.16
CA SER A 213 -33.61 6.17 -0.73
C SER A 213 -32.41 5.67 0.07
N ASP A 214 -31.31 5.35 -0.64
CA ASP A 214 -30.05 5.01 0.00
C ASP A 214 -29.24 6.28 0.25
N PRO A 215 -29.06 6.71 1.53
CA PRO A 215 -28.33 7.95 1.84
C PRO A 215 -26.83 7.91 1.49
N LEU A 216 -26.29 6.71 1.23
CA LEU A 216 -24.88 6.58 0.92
C LEU A 216 -24.64 6.71 -0.59
N ILE A 217 -25.72 6.71 -1.37
CA ILE A 217 -25.63 6.95 -2.81
C ILE A 217 -25.64 8.45 -3.05
N CYS A 218 -24.75 8.91 -3.93
CA CYS A 218 -24.77 10.28 -4.40
C CYS A 218 -25.56 10.35 -5.71
N ARG A 219 -26.68 11.09 -5.70
CA ARG A 219 -27.58 11.13 -6.84
C ARG A 219 -27.41 12.47 -7.57
N ALA A 220 -26.52 13.34 -7.07
CA ALA A 220 -26.23 14.63 -7.69
C ALA A 220 -25.75 14.45 -9.13
N GLY A 221 -25.83 15.55 -9.88
CA GLY A 221 -25.38 15.57 -11.26
C GLY A 221 -23.88 15.28 -11.38
N LEU A 222 -23.48 14.76 -12.55
CA LEU A 222 -22.09 14.45 -12.84
C LEU A 222 -21.29 15.72 -13.09
N LYS A 223 -20.27 15.95 -12.26
CA LYS A 223 -19.40 17.11 -12.40
C LYS A 223 -18.52 16.96 -13.63
N VAL A 224 -18.26 18.09 -14.29
CA VAL A 224 -17.42 18.16 -15.47
C VAL A 224 -16.05 17.53 -15.17
N CYS A 225 -15.43 17.90 -14.05
CA CYS A 225 -14.12 17.37 -13.71
C CYS A 225 -14.15 15.84 -13.57
N PHE A 226 -15.29 15.28 -13.14
CA PHE A 226 -15.38 13.83 -13.01
C PHE A 226 -15.62 13.19 -14.37
N GLY A 227 -16.45 13.84 -15.20
CA GLY A 227 -16.76 13.38 -16.55
C GLY A 227 -15.50 13.18 -17.39
N ILE A 228 -14.54 14.12 -17.27
CA ILE A 228 -13.27 14.02 -17.95
C ILE A 228 -12.51 12.77 -17.51
N GLN A 229 -12.56 12.47 -16.21
CA GLN A 229 -11.92 11.30 -15.64
C GLN A 229 -12.60 10.02 -16.14
N LEU A 230 -13.94 10.04 -16.27
CA LEU A 230 -14.67 8.91 -16.83
C LEU A 230 -14.32 8.73 -18.29
N LEU A 231 -14.01 9.85 -18.97
CA LEU A 231 -13.61 9.80 -20.36
C LEU A 231 -12.18 9.27 -20.46
N ASN A 232 -11.33 9.62 -19.49
CA ASN A 232 -9.98 9.05 -19.39
C ASN A 232 -10.07 7.53 -19.29
N ALA A 233 -10.92 7.07 -18.36
CA ALA A 233 -11.06 5.66 -18.06
C ALA A 233 -11.41 4.86 -19.33
N VAL A 234 -12.40 5.35 -20.08
CA VAL A 234 -12.89 4.70 -21.30
C VAL A 234 -11.74 4.59 -22.29
N SER A 235 -10.94 5.67 -22.39
CA SER A 235 -9.82 5.71 -23.29
C SER A 235 -8.77 4.68 -22.85
N ARG A 236 -8.52 4.66 -21.54
CA ARG A 236 -7.52 3.77 -20.97
C ARG A 236 -7.95 2.31 -21.12
N VAL A 237 -9.25 2.05 -20.95
CA VAL A 237 -9.78 0.70 -21.08
C VAL A 237 -9.58 0.20 -22.51
N GLU A 238 -9.79 1.09 -23.47
CA GLU A 238 -9.70 0.69 -24.87
C GLU A 238 -8.25 0.48 -25.26
N ARG A 239 -7.33 1.26 -24.69
CA ARG A 239 -5.92 1.00 -24.92
C ARG A 239 -5.55 -0.34 -24.30
N ALA A 240 -6.23 -0.71 -23.21
CA ALA A 240 -5.82 -1.86 -22.41
C ALA A 240 -6.35 -3.19 -22.96
N LEU A 241 -7.45 -3.16 -23.71
CA LEU A 241 -8.09 -4.39 -24.15
C LEU A 241 -7.12 -5.31 -24.88
N PRO A 242 -6.47 -4.90 -26.00
CA PRO A 242 -5.59 -5.81 -26.72
C PRO A 242 -4.44 -6.43 -25.93
N LYS A 243 -4.25 -6.01 -24.67
CA LYS A 243 -3.17 -6.58 -23.88
C LYS A 243 -3.74 -7.41 -22.71
N LEU A 244 -5.07 -7.55 -22.67
CA LEU A 244 -5.77 -8.16 -21.55
C LEU A 244 -5.95 -9.66 -21.80
N THR A 245 -5.51 -10.51 -20.84
CA THR A 245 -5.49 -11.95 -21.01
C THR A 245 -6.29 -12.69 -19.92
N VAL A 246 -6.76 -11.96 -18.89
CA VAL A 246 -7.45 -12.54 -17.74
C VAL A 246 -8.76 -13.21 -18.20
N PRO A 247 -9.09 -14.42 -17.69
CA PRO A 247 -10.42 -15.01 -17.88
C PRO A 247 -11.53 -14.09 -17.42
N PHE A 248 -12.60 -13.97 -18.23
CA PHE A 248 -13.70 -13.12 -17.77
C PHE A 248 -15.06 -13.67 -18.18
N LEU A 249 -16.04 -13.38 -17.30
CA LEU A 249 -17.46 -13.48 -17.59
C LEU A 249 -18.03 -12.08 -17.72
N LEU A 250 -18.70 -11.80 -18.83
CA LEU A 250 -19.26 -10.48 -19.13
C LEU A 250 -20.78 -10.58 -19.20
N LEU A 251 -21.49 -9.82 -18.37
CA LEU A 251 -22.93 -9.80 -18.39
C LEU A 251 -23.42 -8.42 -18.83
N GLN A 252 -24.44 -8.39 -19.70
CA GLN A 252 -24.86 -7.12 -20.28
C GLN A 252 -26.34 -7.21 -20.64
N GLY A 253 -27.08 -6.12 -20.33
CA GLY A 253 -28.47 -5.96 -20.75
C GLY A 253 -28.55 -5.32 -22.13
N SER A 254 -29.50 -5.79 -22.95
CA SER A 254 -29.67 -5.33 -24.33
C SER A 254 -30.23 -3.91 -24.38
N ALA A 255 -30.86 -3.47 -23.28
CA ALA A 255 -31.56 -2.21 -23.21
C ALA A 255 -30.88 -1.28 -22.19
N ASP A 256 -29.56 -1.40 -22.08
CA ASP A 256 -28.80 -0.56 -21.15
C ASP A 256 -28.61 0.82 -21.78
N ARG A 257 -29.11 1.86 -21.12
CA ARG A 257 -28.96 3.21 -21.64
C ARG A 257 -27.73 3.93 -21.07
N LEU A 258 -27.04 3.30 -20.11
CA LEU A 258 -25.88 3.93 -19.46
C LEU A 258 -24.57 3.39 -20.04
N CYS A 259 -24.50 2.07 -20.23
CA CYS A 259 -23.40 1.43 -20.91
C CYS A 259 -23.98 0.61 -22.05
N ASP A 260 -23.85 1.12 -23.27
CA ASP A 260 -24.52 0.54 -24.41
C ASP A 260 -23.99 -0.87 -24.65
N SER A 261 -24.90 -1.78 -25.02
CA SER A 261 -24.55 -3.17 -25.22
C SER A 261 -23.40 -3.31 -26.22
N LYS A 262 -23.21 -2.31 -27.08
CA LYS A 262 -22.17 -2.36 -28.10
C LYS A 262 -20.78 -2.49 -27.46
N GLY A 263 -20.60 -1.86 -26.30
CA GLY A 263 -19.35 -1.92 -25.56
C GLY A 263 -19.00 -3.35 -25.16
N ALA A 264 -20.02 -4.14 -24.82
CA ALA A 264 -19.81 -5.54 -24.46
C ALA A 264 -19.27 -6.34 -25.65
N TYR A 265 -19.77 -6.06 -26.86
CA TYR A 265 -19.30 -6.75 -28.05
C TYR A 265 -17.88 -6.30 -28.41
N LEU A 266 -17.60 -5.01 -28.18
CA LEU A 266 -16.25 -4.50 -28.37
C LEU A 266 -15.29 -5.21 -27.41
N LEU A 267 -15.72 -5.38 -26.16
CA LEU A 267 -14.92 -6.07 -25.16
C LEU A 267 -14.64 -7.50 -25.60
N MET A 268 -15.67 -8.23 -26.02
CA MET A 268 -15.53 -9.62 -26.43
C MET A 268 -14.58 -9.74 -27.62
N GLU A 269 -14.55 -8.70 -28.46
CA GLU A 269 -13.75 -8.72 -29.68
C GLU A 269 -12.28 -8.33 -29.47
N LEU A 270 -12.02 -7.36 -28.57
CA LEU A 270 -10.69 -6.77 -28.48
C LEU A 270 -9.83 -7.48 -27.45
N ALA A 271 -10.44 -7.98 -26.36
CA ALA A 271 -9.70 -8.69 -25.32
C ALA A 271 -8.97 -9.89 -25.94
N LYS A 272 -7.76 -10.17 -25.43
CA LYS A 272 -7.00 -11.30 -25.92
C LYS A 272 -7.31 -12.56 -25.12
N SER A 273 -8.08 -12.41 -24.04
CA SER A 273 -8.37 -13.52 -23.13
C SER A 273 -8.78 -14.77 -23.90
N GLN A 274 -8.16 -15.91 -23.57
CA GLN A 274 -8.50 -17.19 -24.17
C GLN A 274 -9.82 -17.70 -23.59
N ASP A 275 -10.22 -17.17 -22.44
CA ASP A 275 -11.39 -17.68 -21.72
C ASP A 275 -12.37 -16.53 -21.48
N LYS A 276 -13.31 -16.33 -22.41
CA LYS A 276 -14.25 -15.22 -22.29
C LYS A 276 -15.66 -15.66 -22.70
N THR A 277 -16.63 -15.22 -21.90
CA THR A 277 -18.02 -15.60 -22.07
C THR A 277 -18.87 -14.35 -21.95
N LEU A 278 -19.88 -14.21 -22.82
CA LEU A 278 -20.83 -13.11 -22.74
C LEU A 278 -22.24 -13.67 -22.60
N LYS A 279 -23.01 -13.10 -21.67
CA LYS A 279 -24.45 -13.32 -21.62
C LYS A 279 -25.15 -12.00 -21.85
N ILE A 280 -26.05 -11.96 -22.84
CA ILE A 280 -26.95 -10.82 -23.04
C ILE A 280 -28.29 -11.11 -22.37
N TYR A 281 -28.80 -10.11 -21.66
CA TYR A 281 -30.12 -10.17 -21.03
C TYR A 281 -31.06 -9.26 -21.81
N GLU A 282 -31.94 -9.90 -22.58
CA GLU A 282 -32.87 -9.27 -23.50
C GLU A 282 -33.84 -8.37 -22.75
N GLY A 283 -33.82 -7.07 -23.08
CA GLY A 283 -34.72 -6.06 -22.53
C GLY A 283 -34.25 -5.45 -21.20
N ALA A 284 -33.18 -6.01 -20.62
CA ALA A 284 -32.82 -5.65 -19.25
C ALA A 284 -32.04 -4.34 -19.25
N TYR A 285 -32.10 -3.63 -18.13
CA TYR A 285 -31.45 -2.33 -18.00
C TYR A 285 -30.01 -2.51 -17.49
N HIS A 286 -29.54 -1.57 -16.66
CA HIS A 286 -28.12 -1.42 -16.36
C HIS A 286 -27.69 -2.30 -15.19
N VAL A 287 -28.44 -2.23 -14.09
CA VAL A 287 -28.02 -2.86 -12.86
C VAL A 287 -28.54 -4.29 -12.83
N LEU A 288 -27.85 -5.20 -13.54
CA LEU A 288 -28.35 -6.55 -13.79
C LEU A 288 -28.55 -7.35 -12.49
N HIS A 289 -27.77 -7.03 -11.44
CA HIS A 289 -27.84 -7.77 -10.19
C HIS A 289 -28.93 -7.23 -9.28
N LYS A 290 -29.68 -6.23 -9.78
CA LYS A 290 -30.81 -5.64 -9.09
C LYS A 290 -31.90 -5.37 -10.13
N GLU A 291 -32.09 -6.35 -11.02
CA GLU A 291 -33.03 -6.26 -12.12
C GLU A 291 -34.29 -7.03 -11.73
N LEU A 292 -35.13 -7.37 -12.72
CA LEU A 292 -36.28 -8.22 -12.48
C LEU A 292 -35.79 -9.56 -11.93
N PRO A 293 -36.54 -10.20 -10.99
CA PRO A 293 -36.14 -11.46 -10.39
C PRO A 293 -35.59 -12.55 -11.32
N GLU A 294 -36.14 -12.64 -12.54
CA GLU A 294 -35.78 -13.68 -13.50
C GLU A 294 -34.38 -13.41 -14.06
N VAL A 295 -34.01 -12.13 -14.08
CA VAL A 295 -32.70 -11.70 -14.57
C VAL A 295 -31.70 -11.80 -13.42
N THR A 296 -32.08 -11.31 -12.25
CA THR A 296 -31.22 -11.31 -11.08
C THR A 296 -30.82 -12.74 -10.67
N ASN A 297 -31.79 -13.66 -10.68
CA ASN A 297 -31.51 -15.04 -10.26
C ASN A 297 -30.58 -15.69 -11.28
N SER A 298 -30.78 -15.39 -12.57
CA SER A 298 -29.88 -15.82 -13.62
C SER A 298 -28.46 -15.31 -13.35
N VAL A 299 -28.34 -13.99 -13.06
CA VAL A 299 -27.06 -13.35 -12.85
C VAL A 299 -26.31 -14.06 -11.73
N PHE A 300 -26.99 -14.21 -10.58
CA PHE A 300 -26.39 -14.82 -9.40
C PHE A 300 -25.94 -16.23 -9.75
N HIS A 301 -26.80 -17.00 -10.45
CA HIS A 301 -26.50 -18.38 -10.76
C HIS A 301 -25.28 -18.47 -11.69
N GLU A 302 -25.22 -17.58 -12.69
CA GLU A 302 -24.17 -17.63 -13.70
C GLU A 302 -22.81 -17.32 -13.09
N ILE A 303 -22.79 -16.31 -12.19
CA ILE A 303 -21.58 -15.91 -11.49
C ILE A 303 -21.10 -17.05 -10.59
N ASN A 304 -22.06 -17.66 -9.88
CA ASN A 304 -21.88 -18.83 -9.04
C ASN A 304 -21.20 -19.93 -9.83
N MET A 305 -21.76 -20.27 -10.99
CA MET A 305 -21.22 -21.36 -11.80
C MET A 305 -19.80 -21.00 -12.25
N TRP A 306 -19.65 -19.76 -12.75
CA TRP A 306 -18.42 -19.36 -13.43
C TRP A 306 -17.28 -19.33 -12.41
N VAL A 307 -17.57 -18.84 -11.19
CA VAL A 307 -16.53 -18.79 -10.17
C VAL A 307 -16.25 -20.17 -9.58
N SER A 308 -17.31 -20.98 -9.39
CA SER A 308 -17.14 -22.34 -8.90
C SER A 308 -16.14 -23.11 -9.76
N GLN A 309 -16.38 -23.09 -11.07
CA GLN A 309 -15.63 -23.92 -12.01
C GLN A 309 -14.16 -23.52 -12.05
N ARG A 310 -13.86 -22.28 -11.63
CA ARG A 310 -12.50 -21.76 -11.74
C ARG A 310 -11.83 -21.72 -10.37
N THR A 311 -12.54 -22.16 -9.32
CA THR A 311 -11.96 -22.38 -8.01
C THR A 311 -11.94 -23.89 -7.73
N PRO B 24 10.83 -15.04 -15.10
CA PRO B 24 11.05 -13.69 -14.54
C PRO B 24 10.93 -13.68 -13.01
N ARG B 25 11.97 -13.17 -12.33
CA ARG B 25 11.98 -13.01 -10.88
C ARG B 25 10.98 -11.93 -10.50
N ARG B 26 10.17 -12.20 -9.46
CA ARG B 26 9.20 -11.21 -9.00
C ARG B 26 9.45 -10.89 -7.53
N THR B 27 9.00 -9.71 -7.11
CA THR B 27 8.93 -9.34 -5.70
C THR B 27 7.93 -10.27 -5.03
N PRO B 28 7.95 -10.41 -3.68
CA PRO B 28 6.87 -11.07 -2.95
C PRO B 28 5.44 -10.63 -3.29
N GLN B 29 5.31 -9.46 -3.93
CA GLN B 29 4.01 -8.93 -4.36
C GLN B 29 3.74 -9.25 -5.85
N SER B 30 4.59 -10.11 -6.44
CA SER B 30 4.47 -10.69 -7.78
C SER B 30 4.79 -9.70 -8.88
N ILE B 31 5.56 -8.65 -8.56
CA ILE B 31 5.93 -7.65 -9.56
C ILE B 31 7.34 -7.99 -10.07
N PRO B 32 7.58 -7.97 -11.41
CA PRO B 32 8.87 -8.42 -11.96
C PRO B 32 9.96 -7.43 -11.58
N TYR B 33 11.13 -7.96 -11.19
CA TYR B 33 12.26 -7.13 -10.79
C TYR B 33 12.80 -6.30 -11.95
N GLN B 34 12.66 -6.80 -13.19
CA GLN B 34 13.21 -6.07 -14.32
C GLN B 34 12.46 -4.76 -14.57
N ASP B 35 11.31 -4.58 -13.91
CA ASP B 35 10.56 -3.33 -13.97
C ASP B 35 11.04 -2.34 -12.91
N LEU B 36 11.84 -2.81 -11.93
CA LEU B 36 12.11 -2.07 -10.71
C LEU B 36 13.61 -1.81 -10.50
N PRO B 37 13.99 -0.63 -9.96
CA PRO B 37 15.36 -0.42 -9.49
C PRO B 37 15.70 -1.50 -8.47
N HIS B 38 16.91 -2.06 -8.55
CA HIS B 38 17.29 -3.14 -7.65
C HIS B 38 18.80 -3.34 -7.62
N LEU B 39 19.25 -4.27 -6.77
CA LEU B 39 20.59 -4.85 -6.79
C LEU B 39 20.49 -6.29 -6.31
N VAL B 40 21.60 -7.04 -6.47
CA VAL B 40 21.71 -8.44 -6.10
C VAL B 40 22.79 -8.56 -5.03
N ASN B 41 22.48 -9.25 -3.92
CA ASN B 41 23.37 -9.25 -2.77
C ASN B 41 24.37 -10.41 -2.92
N ALA B 42 25.20 -10.59 -1.89
CA ALA B 42 26.22 -11.63 -1.90
C ALA B 42 25.59 -13.01 -1.95
N ASP B 43 24.33 -13.14 -1.50
CA ASP B 43 23.65 -14.42 -1.44
C ASP B 43 22.79 -14.63 -2.70
N GLY B 44 22.90 -13.70 -3.65
CA GLY B 44 22.12 -13.74 -4.88
C GLY B 44 20.64 -13.38 -4.70
N GLN B 45 20.27 -12.69 -3.61
CA GLN B 45 18.89 -12.24 -3.43
C GLN B 45 18.73 -10.82 -4.02
N TYR B 46 17.59 -10.60 -4.71
CA TYR B 46 17.20 -9.29 -5.22
C TYR B 46 16.70 -8.41 -4.07
N LEU B 47 17.30 -7.23 -3.95
CA LEU B 47 16.87 -6.18 -3.03
C LEU B 47 16.26 -5.04 -3.84
N PHE B 48 15.02 -4.63 -3.50
CA PHE B 48 14.40 -3.48 -4.13
C PHE B 48 15.10 -2.20 -3.66
N CYS B 49 15.44 -1.31 -4.60
CA CYS B 49 16.16 -0.08 -4.28
C CYS B 49 15.34 1.15 -4.65
N ARG B 50 15.65 2.27 -3.96
CA ARG B 50 14.88 3.50 -4.05
C ARG B 50 15.84 4.68 -4.04
N TYR B 51 15.55 5.69 -4.89
CA TYR B 51 16.46 6.81 -5.08
C TYR B 51 15.68 8.11 -5.11
N TRP B 52 16.30 9.13 -4.53
CA TRP B 52 15.84 10.50 -4.59
C TRP B 52 17.03 11.39 -4.90
N ALA B 53 17.21 11.70 -6.19
CA ALA B 53 18.44 12.33 -6.65
C ALA B 53 18.21 13.80 -6.96
N PRO B 54 19.12 14.70 -6.55
CA PRO B 54 18.99 16.12 -6.89
C PRO B 54 19.33 16.40 -8.36
N THR B 55 19.24 17.68 -8.74
CA THR B 55 19.74 18.13 -10.04
C THR B 55 21.25 18.33 -9.93
N GLY B 56 21.99 17.65 -10.81
CA GLY B 56 23.43 17.83 -10.93
C GLY B 56 24.21 17.24 -9.76
N THR B 57 25.54 17.39 -9.79
CA THR B 57 26.44 16.78 -8.81
C THR B 57 25.96 17.11 -7.40
N PRO B 58 25.60 16.09 -6.59
CA PRO B 58 25.14 16.31 -5.21
C PRO B 58 26.27 16.69 -4.26
N LYS B 59 25.87 17.21 -3.10
CA LYS B 59 26.75 17.71 -2.06
C LYS B 59 27.32 16.54 -1.26
N ALA B 60 26.50 15.49 -1.08
CA ALA B 60 26.80 14.31 -0.28
C ALA B 60 25.80 13.20 -0.59
N LEU B 61 26.15 11.97 -0.19
CA LEU B 61 25.24 10.83 -0.27
C LEU B 61 24.69 10.53 1.12
N ILE B 62 23.46 9.98 1.17
CA ILE B 62 22.92 9.47 2.42
C ILE B 62 22.08 8.22 2.15
N PHE B 63 22.45 7.14 2.84
CA PHE B 63 21.68 5.91 2.84
C PHE B 63 20.72 5.88 4.02
N VAL B 64 19.44 5.55 3.73
CA VAL B 64 18.39 5.47 4.71
C VAL B 64 18.14 3.99 5.00
N SER B 65 18.20 3.63 6.28
CA SER B 65 18.13 2.26 6.78
C SER B 65 16.87 2.10 7.66
N HIS B 66 15.90 1.34 7.14
CA HIS B 66 14.59 1.21 7.73
C HIS B 66 14.65 0.20 8.86
N GLY B 67 13.59 0.13 9.68
CA GLY B 67 13.55 -0.76 10.83
C GLY B 67 12.86 -2.10 10.52
N ALA B 68 12.69 -2.93 11.57
CA ALA B 68 12.08 -4.24 11.43
C ALA B 68 10.63 -4.13 10.97
N GLY B 69 10.29 -4.91 9.94
CA GLY B 69 8.94 -5.08 9.45
C GLY B 69 8.48 -3.96 8.53
N GLU B 70 9.30 -2.91 8.35
CA GLU B 70 8.90 -1.82 7.47
C GLU B 70 9.68 -1.88 6.16
N HIS B 71 9.77 -0.75 5.44
CA HIS B 71 10.41 -0.71 4.13
C HIS B 71 10.79 0.73 3.78
N SER B 72 11.53 0.90 2.69
CA SER B 72 12.16 2.16 2.34
C SER B 72 11.11 3.19 1.89
N GLY B 73 9.93 2.73 1.45
CA GLY B 73 8.88 3.61 1.00
C GLY B 73 8.36 4.54 2.11
N ARG B 74 8.65 4.15 3.36
CA ARG B 74 8.19 4.90 4.53
C ARG B 74 9.05 6.15 4.74
N TYR B 75 10.08 6.32 3.92
CA TYR B 75 11.05 7.40 4.10
C TYR B 75 10.86 8.49 3.03
N GLU B 76 9.72 8.45 2.31
CA GLU B 76 9.42 9.40 1.23
C GLU B 76 9.67 10.84 1.66
N GLU B 77 8.97 11.28 2.73
CA GLU B 77 8.96 12.68 3.13
C GLU B 77 10.37 13.13 3.58
N LEU B 78 11.01 12.35 4.47
CA LEU B 78 12.36 12.63 4.95
C LEU B 78 13.31 12.74 3.77
N ALA B 79 13.18 11.79 2.83
CA ALA B 79 14.06 11.66 1.68
C ALA B 79 13.96 12.90 0.80
N ARG B 80 12.72 13.29 0.45
CA ARG B 80 12.48 14.49 -0.33
C ARG B 80 13.12 15.71 0.33
N MET B 81 13.01 15.80 1.67
CA MET B 81 13.57 16.92 2.39
C MET B 81 15.10 16.90 2.26
N LEU B 82 15.70 15.71 2.42
CA LEU B 82 17.14 15.63 2.34
C LEU B 82 17.61 15.92 0.90
N MET B 83 16.77 15.60 -0.08
CA MET B 83 17.11 15.80 -1.47
C MET B 83 17.11 17.30 -1.78
N GLY B 84 16.13 18.00 -1.19
CA GLY B 84 16.03 19.46 -1.27
C GLY B 84 17.23 20.19 -0.66
N LEU B 85 18.17 19.43 -0.08
CA LEU B 85 19.37 19.99 0.50
C LEU B 85 20.58 19.64 -0.37
N ASP B 86 20.29 19.03 -1.52
CA ASP B 86 21.27 18.66 -2.53
C ASP B 86 22.00 17.38 -2.14
N LEU B 87 21.34 16.53 -1.36
CA LEU B 87 21.90 15.23 -1.07
C LEU B 87 21.24 14.21 -1.98
N LEU B 88 22.00 13.20 -2.36
CA LEU B 88 21.39 12.07 -3.04
C LEU B 88 21.04 11.00 -2.00
N VAL B 89 19.72 10.79 -1.85
CA VAL B 89 19.15 9.84 -0.91
C VAL B 89 18.94 8.52 -1.64
N PHE B 90 19.49 7.46 -1.04
CA PHE B 90 19.37 6.12 -1.59
C PHE B 90 19.04 5.15 -0.46
N ALA B 91 18.32 4.08 -0.83
CA ALA B 91 17.86 3.09 0.12
C ALA B 91 17.64 1.77 -0.61
N HIS B 92 17.60 0.68 0.17
CA HIS B 92 17.02 -0.58 -0.26
C HIS B 92 16.20 -1.16 0.89
N ASP B 93 15.22 -2.01 0.54
CA ASP B 93 14.51 -2.82 1.50
C ASP B 93 15.47 -3.92 1.95
N HIS B 94 15.73 -4.06 3.26
CA HIS B 94 16.58 -5.17 3.72
C HIS B 94 15.97 -6.52 3.33
N VAL B 95 16.80 -7.58 3.38
CA VAL B 95 16.30 -8.90 3.04
C VAL B 95 15.14 -9.23 3.97
N GLY B 96 14.17 -9.97 3.42
CA GLY B 96 12.99 -10.33 4.19
C GLY B 96 12.05 -9.16 4.42
N HIS B 97 12.25 -8.03 3.71
CA HIS B 97 11.44 -6.85 3.95
C HIS B 97 10.92 -6.25 2.65
N GLY B 98 9.78 -5.56 2.72
CA GLY B 98 9.22 -4.76 1.63
C GLY B 98 9.18 -5.53 0.29
N GLN B 99 9.81 -4.93 -0.72
CA GLN B 99 9.80 -5.44 -2.08
C GLN B 99 11.01 -6.33 -2.34
N SER B 100 11.83 -6.58 -1.32
CA SER B 100 13.01 -7.41 -1.48
C SER B 100 12.64 -8.88 -1.30
N GLU B 101 13.57 -9.77 -1.67
CA GLU B 101 13.35 -11.20 -1.52
C GLU B 101 13.67 -11.65 -0.09
N GLY B 102 13.28 -12.89 0.21
CA GLY B 102 13.57 -13.55 1.48
C GLY B 102 12.30 -13.78 2.30
N GLU B 103 12.31 -14.85 3.09
CA GLU B 103 11.26 -15.14 4.05
C GLU B 103 11.09 -13.91 4.96
N ARG B 104 9.84 -13.52 5.26
CA ARG B 104 9.58 -12.28 5.99
C ARG B 104 10.24 -12.32 7.38
N MET B 105 11.04 -11.29 7.66
CA MET B 105 11.54 -11.02 9.01
C MET B 105 12.25 -12.26 9.57
N VAL B 106 13.22 -12.71 8.79
CA VAL B 106 14.10 -13.82 9.10
C VAL B 106 15.43 -13.41 8.50
N VAL B 107 16.52 -13.81 9.14
CA VAL B 107 17.83 -13.56 8.54
C VAL B 107 18.78 -14.60 9.11
N SER B 108 19.66 -15.12 8.24
CA SER B 108 20.58 -16.17 8.62
C SER B 108 21.48 -15.66 9.75
N ASP B 109 22.06 -14.47 9.56
CA ASP B 109 22.77 -13.75 10.62
C ASP B 109 22.57 -12.24 10.43
N PHE B 110 22.47 -11.49 11.54
CA PHE B 110 22.11 -10.08 11.50
C PHE B 110 23.06 -9.30 10.60
N HIS B 111 24.33 -9.75 10.50
CA HIS B 111 25.34 -9.10 9.68
C HIS B 111 24.98 -9.03 8.18
N VAL B 112 24.18 -9.98 7.67
CA VAL B 112 23.66 -9.85 6.30
C VAL B 112 23.22 -8.40 6.03
N PHE B 113 22.42 -7.83 6.95
CA PHE B 113 21.87 -6.49 6.81
C PHE B 113 22.98 -5.47 6.57
N VAL B 114 24.05 -5.59 7.37
CA VAL B 114 25.16 -4.64 7.36
C VAL B 114 25.94 -4.79 6.05
N ARG B 115 26.27 -6.05 5.71
CA ARG B 115 26.91 -6.41 4.47
C ARG B 115 26.15 -5.78 3.30
N ASP B 116 24.82 -5.92 3.29
CA ASP B 116 24.04 -5.42 2.17
C ASP B 116 24.09 -3.89 2.09
N VAL B 117 24.13 -3.22 3.25
CA VAL B 117 24.23 -1.76 3.27
C VAL B 117 25.57 -1.34 2.68
N LEU B 118 26.67 -1.94 3.15
CA LEU B 118 28.00 -1.60 2.65
C LEU B 118 28.11 -1.82 1.13
N GLN B 119 27.62 -2.97 0.64
CA GLN B 119 27.58 -3.21 -0.81
C GLN B 119 26.92 -2.03 -1.51
N HIS B 120 25.78 -1.58 -0.98
CA HIS B 120 25.04 -0.54 -1.66
C HIS B 120 25.84 0.77 -1.62
N VAL B 121 26.39 1.10 -0.44
CA VAL B 121 27.19 2.29 -0.25
C VAL B 121 28.39 2.29 -1.19
N ASP B 122 29.12 1.16 -1.26
CA ASP B 122 30.32 1.10 -2.09
C ASP B 122 30.02 1.40 -3.55
N SER B 123 28.96 0.77 -4.07
CA SER B 123 28.55 0.92 -5.46
CA SER B 123 28.53 0.92 -5.45
C SER B 123 28.18 2.38 -5.73
N MET B 124 27.50 3.02 -4.77
CA MET B 124 27.12 4.41 -4.98
C MET B 124 28.34 5.34 -4.98
N GLN B 125 29.37 5.00 -4.19
CA GLN B 125 30.55 5.85 -4.09
C GLN B 125 31.40 5.79 -5.36
N LYS B 126 31.35 4.66 -6.04
CA LYS B 126 32.06 4.49 -7.30
C LYS B 126 31.39 5.35 -8.38
N ASP B 127 30.05 5.40 -8.36
CA ASP B 127 29.30 6.25 -9.26
C ASP B 127 29.53 7.73 -8.94
N TYR B 128 29.58 8.08 -7.64
CA TYR B 128 29.80 9.46 -7.22
C TYR B 128 31.06 9.55 -6.35
N PRO B 129 32.26 9.65 -6.98
CA PRO B 129 33.53 9.60 -6.26
C PRO B 129 33.85 10.90 -5.55
N GLY B 130 34.44 10.77 -4.35
CA GLY B 130 34.95 11.89 -3.57
C GLY B 130 33.90 12.51 -2.67
N LEU B 131 32.68 11.95 -2.65
CA LEU B 131 31.57 12.59 -1.95
C LEU B 131 31.48 12.09 -0.51
N PRO B 132 31.07 12.97 0.45
CA PRO B 132 30.74 12.52 1.81
C PRO B 132 29.52 11.61 1.79
N VAL B 133 29.55 10.56 2.64
CA VAL B 133 28.45 9.63 2.80
C VAL B 133 27.94 9.62 4.26
N PHE B 134 26.62 9.80 4.40
CA PHE B 134 25.91 9.81 5.67
C PHE B 134 24.98 8.59 5.77
N LEU B 135 24.65 8.22 7.03
CA LEU B 135 23.72 7.13 7.37
C LEU B 135 22.59 7.71 8.22
N LEU B 136 21.35 7.42 7.81
CA LEU B 136 20.18 7.66 8.63
C LEU B 136 19.48 6.31 8.88
N GLY B 137 19.20 6.03 10.16
CA GLY B 137 18.67 4.73 10.56
C GLY B 137 17.69 4.87 11.71
N HIS B 138 16.58 4.15 11.62
CA HIS B 138 15.56 4.12 12.67
C HIS B 138 15.40 2.70 13.22
N SER B 139 15.41 2.60 14.57
CA SER B 139 15.10 1.36 15.27
C SER B 139 16.12 0.29 14.90
N MET B 140 15.65 -0.89 14.42
CA MET B 140 16.58 -1.91 13.93
C MET B 140 17.53 -1.32 12.87
N GLY B 141 16.97 -0.46 12.01
CA GLY B 141 17.78 0.19 10.99
C GLY B 141 18.84 1.10 11.59
N GLY B 142 18.61 1.57 12.84
CA GLY B 142 19.60 2.32 13.60
C GLY B 142 20.75 1.44 14.10
N ALA B 143 20.42 0.24 14.60
CA ALA B 143 21.43 -0.75 14.95
C ALA B 143 22.29 -1.10 13.73
N ILE B 144 21.64 -1.30 12.58
CA ILE B 144 22.37 -1.54 11.32
C ILE B 144 23.27 -0.33 11.01
N ALA B 145 22.74 0.89 11.16
CA ALA B 145 23.55 2.07 10.90
C ALA B 145 24.78 2.07 11.81
N ILE B 146 24.57 1.74 13.09
CA ILE B 146 25.68 1.75 14.04
C ILE B 146 26.75 0.74 13.60
N LEU B 147 26.32 -0.50 13.28
CA LEU B 147 27.30 -1.54 13.00
C LEU B 147 27.99 -1.30 11.65
N THR B 148 27.26 -0.72 10.69
CA THR B 148 27.86 -0.31 9.42
C THR B 148 28.99 0.68 9.67
N ALA B 149 28.72 1.74 10.44
CA ALA B 149 29.73 2.76 10.72
C ALA B 149 30.90 2.20 11.53
N ALA B 150 30.63 1.25 12.44
CA ALA B 150 31.68 0.67 13.27
C ALA B 150 32.61 -0.20 12.43
N GLU B 151 32.12 -0.68 11.27
CA GLU B 151 32.89 -1.56 10.41
C GLU B 151 33.78 -0.77 9.45
N ARG B 152 33.49 0.53 9.25
CA ARG B 152 34.35 1.36 8.42
C ARG B 152 34.74 2.62 9.21
N PRO B 153 35.59 2.51 10.26
CA PRO B 153 35.92 3.68 11.08
C PRO B 153 36.50 4.80 10.21
N GLY B 154 36.08 6.03 10.49
CA GLY B 154 36.60 7.19 9.78
C GLY B 154 35.90 7.43 8.45
N HIS B 155 35.05 6.49 8.02
CA HIS B 155 34.57 6.56 6.64
C HIS B 155 33.33 7.45 6.49
N PHE B 156 32.38 7.38 7.43
CA PHE B 156 31.11 8.08 7.27
C PHE B 156 31.21 9.49 7.87
N ALA B 157 30.52 10.44 7.22
CA ALA B 157 30.60 11.85 7.59
C ALA B 157 29.70 12.13 8.79
N GLY B 158 28.73 11.24 9.01
CA GLY B 158 27.75 11.41 10.05
C GLY B 158 26.66 10.34 9.97
N MET B 159 25.84 10.29 11.03
CA MET B 159 24.86 9.28 11.28
C MET B 159 23.70 9.95 12.02
N VAL B 160 22.50 9.90 11.42
CA VAL B 160 21.27 10.30 12.09
C VAL B 160 20.56 9.04 12.60
N LEU B 161 20.36 8.96 13.92
CA LEU B 161 19.72 7.82 14.57
C LEU B 161 18.37 8.26 15.14
N ILE B 162 17.30 7.61 14.67
CA ILE B 162 15.96 7.85 15.22
C ILE B 162 15.56 6.64 16.05
N SER B 163 15.44 6.84 17.37
CA SER B 163 15.18 5.80 18.35
C SER B 163 15.79 4.45 17.96
N PRO B 164 17.14 4.34 17.92
CA PRO B 164 17.79 3.12 17.44
C PRO B 164 17.62 1.98 18.44
N LEU B 165 17.64 0.75 17.89
CA LEU B 165 17.68 -0.45 18.70
C LEU B 165 19.07 -0.61 19.30
N VAL B 166 19.14 -0.58 20.63
CA VAL B 166 20.41 -0.42 21.31
C VAL B 166 20.47 -1.36 22.51
N LEU B 167 19.33 -1.65 23.15
CA LEU B 167 19.41 -2.58 24.26
C LEU B 167 18.27 -3.58 24.28
N ALA B 168 18.50 -4.68 25.02
CA ALA B 168 17.56 -5.77 25.10
C ALA B 168 16.46 -5.39 26.08
N ASN B 169 15.23 -5.80 25.77
CA ASN B 169 14.11 -5.75 26.71
C ASN B 169 14.58 -6.28 28.07
N PRO B 170 14.01 -5.77 29.19
CA PRO B 170 14.64 -5.89 30.51
C PRO B 170 15.22 -7.26 30.86
N GLU B 171 14.32 -8.23 31.06
CA GLU B 171 14.68 -9.53 31.61
C GLU B 171 14.58 -10.58 30.50
N SER B 172 14.56 -10.11 29.26
CA SER B 172 14.48 -11.00 28.11
C SER B 172 15.86 -11.48 27.70
N ALA B 173 16.91 -11.06 28.41
CA ALA B 173 18.25 -11.46 28.01
C ALA B 173 19.00 -12.20 29.13
N THR B 174 18.28 -12.69 30.12
CA THR B 174 18.89 -13.54 31.13
C THR B 174 19.35 -14.87 30.51
N THR B 175 20.29 -15.54 31.19
CA THR B 175 20.85 -16.78 30.69
C THR B 175 19.73 -17.81 30.49
N PHE B 176 18.75 -17.81 31.42
CA PHE B 176 17.55 -18.63 31.31
C PHE B 176 16.79 -18.33 30.02
N LYS B 177 16.59 -17.05 29.70
CA LYS B 177 15.70 -16.68 28.61
C LYS B 177 16.38 -16.95 27.27
N VAL B 178 17.70 -16.77 27.24
CA VAL B 178 18.50 -17.04 26.05
C VAL B 178 18.50 -18.54 25.79
N LEU B 179 18.62 -19.34 26.86
CA LEU B 179 18.63 -20.79 26.68
C LEU B 179 17.28 -21.23 26.10
N ALA B 180 16.18 -20.72 26.69
CA ALA B 180 14.82 -21.03 26.27
C ALA B 180 14.60 -20.70 24.79
N ALA B 181 15.10 -19.54 24.35
CA ALA B 181 14.93 -19.16 22.96
C ALA B 181 15.69 -20.12 22.04
N LYS B 182 16.92 -20.47 22.43
CA LYS B 182 17.80 -21.30 21.61
C LYS B 182 17.20 -22.70 21.44
N VAL B 183 16.64 -23.25 22.52
CA VAL B 183 16.02 -24.56 22.48
C VAL B 183 14.77 -24.48 21.61
N LEU B 184 13.99 -23.40 21.72
CA LEU B 184 12.75 -23.32 20.94
C LEU B 184 13.10 -23.20 19.47
N ASN B 185 14.15 -22.42 19.18
CA ASN B 185 14.64 -22.20 17.84
C ASN B 185 15.06 -23.52 17.18
N SER B 186 15.54 -24.49 17.97
CA SER B 186 16.07 -25.71 17.38
C SER B 186 14.94 -26.67 16.98
N VAL B 187 13.70 -26.37 17.38
CA VAL B 187 12.55 -27.19 17.09
C VAL B 187 11.59 -26.44 16.16
N LEU B 188 11.17 -25.24 16.57
CA LEU B 188 10.26 -24.42 15.79
C LEU B 188 10.87 -23.03 15.60
N PRO B 189 11.78 -22.81 14.62
CA PRO B 189 12.36 -21.49 14.41
C PRO B 189 11.37 -20.36 14.08
N ASN B 190 10.18 -20.73 13.55
CA ASN B 190 9.19 -19.73 13.19
C ASN B 190 8.16 -19.52 14.31
N LEU B 191 8.30 -20.22 15.43
CA LEU B 191 7.43 -19.95 16.57
C LEU B 191 7.53 -18.47 16.94
N SER B 192 6.37 -17.86 17.14
CA SER B 192 6.39 -16.41 17.20
C SER B 192 5.55 -15.86 18.36
N SER B 193 5.95 -14.68 18.85
CA SER B 193 5.13 -14.02 19.86
C SER B 193 3.96 -13.34 19.14
N GLY B 194 3.01 -12.81 19.91
CA GLY B 194 1.92 -12.07 19.31
C GLY B 194 2.43 -10.81 18.61
N PRO B 195 1.65 -10.23 17.68
CA PRO B 195 2.00 -8.93 17.11
C PRO B 195 1.95 -7.85 18.21
N ILE B 196 2.75 -6.79 18.06
CA ILE B 196 2.72 -5.68 18.98
C ILE B 196 1.43 -4.89 18.83
N ASP B 197 1.02 -4.22 19.91
CA ASP B 197 0.00 -3.19 19.85
C ASP B 197 0.56 -2.00 19.07
N SER B 198 0.05 -1.81 17.84
CA SER B 198 0.65 -0.88 16.90
C SER B 198 0.46 0.54 17.40
N SER B 199 -0.41 0.70 18.39
CA SER B 199 -0.63 2.03 18.93
C SER B 199 0.56 2.51 19.78
N VAL B 200 1.53 1.63 20.07
CA VAL B 200 2.71 2.10 20.76
C VAL B 200 3.70 2.77 19.78
N LEU B 201 3.39 2.76 18.48
CA LEU B 201 4.34 3.27 17.50
C LEU B 201 4.40 4.80 17.52
N SER B 202 3.22 5.42 17.70
CA SER B 202 3.02 6.84 17.45
C SER B 202 1.73 7.32 18.09
N ARG B 203 1.77 8.53 18.67
CA ARG B 203 0.60 9.17 19.25
C ARG B 203 -0.30 9.69 18.13
N ASN B 204 0.26 9.80 16.92
CA ASN B 204 -0.46 10.24 15.73
C ASN B 204 -1.28 9.06 15.19
N LYS B 205 -2.60 9.13 15.35
CA LYS B 205 -3.49 8.00 15.06
C LYS B 205 -3.54 7.69 13.56
N THR B 206 -3.54 8.75 12.72
CA THR B 206 -3.44 8.64 11.27
C THR B 206 -2.27 7.74 10.88
N GLU B 207 -1.09 8.00 11.47
CA GLU B 207 0.14 7.29 11.13
C GLU B 207 0.07 5.83 11.58
N VAL B 208 -0.61 5.56 12.71
CA VAL B 208 -0.87 4.19 13.14
C VAL B 208 -1.73 3.50 12.07
N ASP B 209 -2.70 4.25 11.54
CA ASP B 209 -3.67 3.71 10.61
C ASP B 209 -3.00 3.42 9.27
N ILE B 210 -2.08 4.33 8.89
CA ILE B 210 -1.29 4.17 7.68
C ILE B 210 -0.48 2.89 7.81
N TYR B 211 0.14 2.70 8.99
CA TYR B 211 0.99 1.55 9.25
C TYR B 211 0.20 0.25 9.17
N ASN B 212 -0.99 0.26 9.77
CA ASN B 212 -1.84 -0.93 9.83
C ASN B 212 -2.40 -1.29 8.44
N SER B 213 -2.15 -0.46 7.42
CA SER B 213 -2.79 -0.69 6.14
C SER B 213 -1.81 -0.58 4.96
N ASP B 214 -0.51 -0.51 5.28
CA ASP B 214 0.50 -0.57 4.23
C ASP B 214 0.80 -2.02 3.90
N PRO B 215 0.50 -2.50 2.66
CA PRO B 215 0.72 -3.89 2.27
C PRO B 215 2.17 -4.35 2.37
N LEU B 216 3.10 -3.40 2.37
CA LEU B 216 4.52 -3.71 2.32
C LEU B 216 5.10 -3.89 3.73
N ILE B 217 4.30 -3.55 4.74
CA ILE B 217 4.72 -3.73 6.12
C ILE B 217 4.36 -5.15 6.56
N CYS B 218 5.29 -5.82 7.23
CA CYS B 218 4.98 -7.06 7.91
C CYS B 218 4.70 -6.75 9.38
N ARG B 219 3.52 -7.11 9.86
CA ARG B 219 3.10 -6.81 11.22
C ARG B 219 2.92 -8.10 12.00
N ALA B 220 3.31 -9.24 11.41
CA ALA B 220 3.27 -10.52 12.11
C ALA B 220 4.20 -10.42 13.32
N GLY B 221 3.91 -11.24 14.34
CA GLY B 221 4.75 -11.29 15.51
C GLY B 221 6.16 -11.80 15.18
N LEU B 222 7.07 -11.51 16.10
CA LEU B 222 8.48 -11.83 16.01
C LEU B 222 8.69 -13.35 16.11
N LYS B 223 9.37 -13.92 15.10
CA LYS B 223 9.77 -15.32 15.12
C LYS B 223 11.01 -15.50 16.00
N VAL B 224 11.12 -16.64 16.69
CA VAL B 224 12.19 -16.91 17.65
C VAL B 224 13.54 -16.77 16.96
N CYS B 225 13.64 -17.24 15.71
CA CYS B 225 14.92 -17.18 15.01
C CYS B 225 15.34 -15.73 14.80
N PHE B 226 14.37 -14.86 14.47
CA PHE B 226 14.71 -13.48 14.22
C PHE B 226 14.97 -12.73 15.52
N GLY B 227 14.20 -13.09 16.56
CA GLY B 227 14.39 -12.56 17.90
C GLY B 227 15.83 -12.78 18.37
N ILE B 228 16.40 -13.95 18.04
CA ILE B 228 17.75 -14.26 18.46
C ILE B 228 18.74 -13.33 17.73
N GLN B 229 18.40 -13.00 16.48
CA GLN B 229 19.25 -12.14 15.67
C GLN B 229 19.19 -10.69 16.17
N LEU B 230 18.04 -10.28 16.73
CA LEU B 230 17.91 -8.93 17.28
C LEU B 230 18.78 -8.80 18.52
N LEU B 231 18.82 -9.89 19.29
CA LEU B 231 19.62 -9.97 20.51
C LEU B 231 21.10 -9.89 20.15
N ASN B 232 21.49 -10.63 19.09
CA ASN B 232 22.81 -10.52 18.52
C ASN B 232 23.13 -9.06 18.20
N ALA B 233 22.20 -8.38 17.52
CA ALA B 233 22.38 -7.00 17.10
C ALA B 233 22.68 -6.12 18.31
N VAL B 234 21.87 -6.27 19.34
CA VAL B 234 22.01 -5.50 20.57
C VAL B 234 23.38 -5.78 21.16
N SER B 235 23.74 -7.07 21.24
CA SER B 235 24.99 -7.46 21.86
C SER B 235 26.17 -6.86 21.11
N ARG B 236 26.09 -6.88 19.78
CA ARG B 236 27.14 -6.34 18.91
C ARG B 236 27.16 -4.82 18.95
N VAL B 237 25.97 -4.19 19.00
CA VAL B 237 25.93 -2.74 19.15
C VAL B 237 26.70 -2.36 20.42
N GLU B 238 26.41 -3.03 21.54
CA GLU B 238 27.02 -2.72 22.82
C GLU B 238 28.54 -2.77 22.69
N ARG B 239 29.08 -3.82 22.07
CA ARG B 239 30.51 -4.01 22.01
C ARG B 239 31.18 -3.03 21.04
N ALA B 240 30.41 -2.45 20.12
CA ALA B 240 30.97 -1.55 19.13
C ALA B 240 31.03 -0.09 19.63
N LEU B 241 30.23 0.25 20.65
CA LEU B 241 30.09 1.63 21.13
C LEU B 241 31.45 2.23 21.51
N PRO B 242 32.26 1.57 22.38
CA PRO B 242 33.51 2.17 22.85
C PRO B 242 34.56 2.38 21.77
N LYS B 243 34.21 2.09 20.50
CA LYS B 243 35.14 2.27 19.41
C LYS B 243 34.46 2.96 18.22
N LEU B 244 33.21 3.39 18.41
CA LEU B 244 32.48 4.15 17.40
C LEU B 244 32.86 5.63 17.51
N THR B 245 33.28 6.25 16.40
CA THR B 245 33.80 7.62 16.40
C THR B 245 32.99 8.56 15.50
N VAL B 246 32.10 8.02 14.67
CA VAL B 246 31.35 8.82 13.71
C VAL B 246 30.52 9.92 14.41
N PRO B 247 30.47 11.16 13.88
CA PRO B 247 29.47 12.14 14.34
C PRO B 247 28.06 11.55 14.26
N PHE B 248 27.24 11.80 15.29
CA PHE B 248 25.85 11.37 15.25
C PHE B 248 24.92 12.34 15.96
N LEU B 249 23.72 12.47 15.39
CA LEU B 249 22.57 13.08 16.03
C LEU B 249 21.63 11.96 16.41
N LEU B 250 21.19 11.96 17.68
CA LEU B 250 20.35 10.91 18.25
C LEU B 250 19.04 11.55 18.69
N LEU B 251 17.92 11.09 18.13
CA LEU B 251 16.58 11.57 18.47
C LEU B 251 15.82 10.45 19.19
N GLN B 252 15.24 10.75 20.36
CA GLN B 252 14.64 9.72 21.19
C GLN B 252 13.39 10.26 21.90
N GLY B 253 12.30 9.48 21.84
CA GLY B 253 11.09 9.82 22.56
C GLY B 253 11.12 9.25 23.98
N SER B 254 10.61 10.03 24.95
CA SER B 254 10.69 9.65 26.36
C SER B 254 9.72 8.52 26.68
N ALA B 255 8.69 8.34 25.86
CA ALA B 255 7.64 7.37 26.19
C ALA B 255 7.66 6.23 25.17
N ASP B 256 8.85 5.93 24.64
CA ASP B 256 9.05 4.90 23.64
C ASP B 256 9.04 3.54 24.35
N ARG B 257 8.09 2.67 23.96
CA ARG B 257 7.92 1.39 24.62
C ARG B 257 8.68 0.28 23.88
N LEU B 258 9.27 0.59 22.73
CA LEU B 258 9.94 -0.43 21.94
C LEU B 258 11.46 -0.30 22.11
N CYS B 259 11.96 0.95 22.09
CA CYS B 259 13.35 1.19 22.39
C CYS B 259 13.41 2.16 23.57
N ASP B 260 13.69 1.61 24.77
CA ASP B 260 13.57 2.40 25.99
C ASP B 260 14.50 3.61 25.93
N SER B 261 14.01 4.77 26.39
CA SER B 261 14.81 5.99 26.40
C SER B 261 16.16 5.78 27.09
N LYS B 262 16.25 4.81 28.02
CA LYS B 262 17.52 4.49 28.67
C LYS B 262 18.64 4.21 27.66
N GLY B 263 18.32 3.51 26.57
CA GLY B 263 19.36 3.05 25.65
C GLY B 263 20.06 4.23 24.97
N ALA B 264 19.28 5.30 24.77
CA ALA B 264 19.79 6.51 24.17
C ALA B 264 20.81 7.18 25.10
N TYR B 265 20.54 7.15 26.42
CA TYR B 265 21.49 7.72 27.37
C TYR B 265 22.76 6.86 27.37
N LEU B 266 22.58 5.54 27.25
CA LEU B 266 23.70 4.61 27.24
C LEU B 266 24.57 4.90 26.02
N LEU B 267 23.92 5.10 24.87
CA LEU B 267 24.60 5.34 23.60
C LEU B 267 25.35 6.66 23.71
N MET B 268 24.73 7.63 24.37
CA MET B 268 25.34 8.94 24.51
C MET B 268 26.57 8.85 25.42
N GLU B 269 26.54 7.91 26.37
CA GLU B 269 27.65 7.77 27.30
C GLU B 269 28.80 6.98 26.70
N LEU B 270 28.52 5.94 25.92
CA LEU B 270 29.57 4.97 25.59
C LEU B 270 30.23 5.23 24.23
N ALA B 271 29.53 5.86 23.29
CA ALA B 271 30.13 6.16 22.01
C ALA B 271 31.35 7.04 22.25
N LYS B 272 32.40 6.84 21.44
CA LYS B 272 33.62 7.63 21.60
C LYS B 272 33.56 8.87 20.73
N SER B 273 32.47 9.04 19.95
CA SER B 273 32.35 10.16 19.02
C SER B 273 32.59 11.50 19.71
N GLN B 274 33.35 12.37 19.05
CA GLN B 274 33.67 13.69 19.56
C GLN B 274 32.50 14.62 19.27
N ASP B 275 31.65 14.23 18.31
CA ASP B 275 30.56 15.09 17.86
C ASP B 275 29.23 14.34 18.01
N LYS B 276 28.58 14.50 19.17
CA LYS B 276 27.37 13.75 19.51
C LYS B 276 26.34 14.60 20.25
N THR B 277 25.10 14.56 19.73
CA THR B 277 24.02 15.41 20.17
C THR B 277 22.79 14.52 20.38
N LEU B 278 22.11 14.73 21.52
CA LEU B 278 20.87 14.02 21.82
C LEU B 278 19.74 15.03 21.99
N LYS B 279 18.62 14.81 21.31
CA LYS B 279 17.35 15.47 21.63
C LYS B 279 16.36 14.44 22.17
N ILE B 280 15.80 14.71 23.35
CA ILE B 280 14.68 13.97 23.90
C ILE B 280 13.37 14.70 23.58
N TYR B 281 12.39 13.94 23.08
CA TYR B 281 11.04 14.42 22.81
C TYR B 281 10.09 13.92 23.90
N GLU B 282 9.67 14.86 24.76
CA GLU B 282 8.94 14.54 25.98
C GLU B 282 7.54 14.03 25.62
N GLY B 283 7.25 12.78 26.00
CA GLY B 283 5.94 12.21 25.75
C GLY B 283 5.83 11.41 24.44
N ALA B 284 6.81 11.53 23.53
CA ALA B 284 6.70 10.90 22.22
C ALA B 284 6.98 9.39 22.27
N TYR B 285 6.32 8.67 21.35
CA TYR B 285 6.50 7.23 21.18
C TYR B 285 7.68 6.96 20.25
N HIS B 286 7.61 5.86 19.50
CA HIS B 286 8.77 5.26 18.84
C HIS B 286 9.11 5.94 17.51
N VAL B 287 8.10 6.17 16.66
CA VAL B 287 8.35 6.57 15.29
C VAL B 287 8.30 8.10 15.23
N LEU B 288 9.39 8.73 15.62
CA LEU B 288 9.43 10.18 15.84
C LEU B 288 9.14 10.94 14.55
N HIS B 289 9.55 10.37 13.41
CA HIS B 289 9.37 11.02 12.11
C HIS B 289 7.94 10.81 11.61
N LYS B 290 7.10 10.16 12.42
CA LYS B 290 5.71 9.95 12.06
C LYS B 290 4.86 10.14 13.31
N GLU B 291 5.23 11.18 14.09
CA GLU B 291 4.64 11.44 15.39
C GLU B 291 3.63 12.58 15.27
N LEU B 292 3.28 13.20 16.40
CA LEU B 292 2.46 14.40 16.36
C LEU B 292 3.19 15.46 15.54
N PRO B 293 2.44 16.27 14.75
CA PRO B 293 3.05 17.28 13.90
C PRO B 293 4.09 18.16 14.61
N GLU B 294 3.81 18.52 15.87
CA GLU B 294 4.76 19.31 16.64
C GLU B 294 6.13 18.62 16.71
N VAL B 295 6.15 17.29 16.85
CA VAL B 295 7.41 16.54 16.95
C VAL B 295 7.99 16.26 15.57
N THR B 296 7.15 15.74 14.65
CA THR B 296 7.61 15.42 13.31
C THR B 296 8.33 16.61 12.68
N ASN B 297 7.72 17.80 12.75
CA ASN B 297 8.26 19.03 12.20
C ASN B 297 9.60 19.39 12.84
N SER B 298 9.71 19.23 14.16
CA SER B 298 10.97 19.44 14.86
C SER B 298 12.02 18.42 14.40
N VAL B 299 11.64 17.14 14.32
CA VAL B 299 12.55 16.08 13.88
C VAL B 299 13.13 16.42 12.50
N PHE B 300 12.24 16.75 11.56
CA PHE B 300 12.65 17.10 10.20
C PHE B 300 13.67 18.25 10.27
N HIS B 301 13.31 19.31 11.02
CA HIS B 301 14.10 20.54 11.10
C HIS B 301 15.51 20.27 11.63
N GLU B 302 15.61 19.41 12.65
CA GLU B 302 16.87 19.16 13.33
C GLU B 302 17.81 18.35 12.45
N ILE B 303 17.23 17.35 11.75
CA ILE B 303 17.99 16.56 10.80
C ILE B 303 18.50 17.51 9.72
N ASN B 304 17.59 18.37 9.23
CA ASN B 304 17.93 19.35 8.20
C ASN B 304 19.12 20.18 8.67
N MET B 305 19.02 20.77 9.88
CA MET B 305 20.05 21.61 10.46
C MET B 305 21.36 20.85 10.59
N TRP B 306 21.30 19.66 11.19
CA TRP B 306 22.49 18.93 11.57
C TRP B 306 23.26 18.47 10.31
N VAL B 307 22.51 18.12 9.25
CA VAL B 307 23.11 17.66 8.01
C VAL B 307 23.63 18.82 7.18
N SER B 308 22.84 19.92 7.07
CA SER B 308 23.25 21.16 6.42
C SER B 308 24.62 21.62 6.90
N GLN B 309 24.85 21.54 8.21
CA GLN B 309 26.03 22.10 8.84
C GLN B 309 27.25 21.22 8.58
N ARG B 310 27.01 19.95 8.24
CA ARG B 310 28.13 19.05 8.05
C ARG B 310 28.34 18.78 6.56
N THR B 311 27.65 19.59 5.74
CA THR B 311 27.87 19.66 4.30
C THR B 311 28.03 21.14 3.90
C4 XPD C . -20.41 11.55 -19.26
C5 XPD C . -23.40 2.76 -12.22
C6 XPD C . -18.74 10.41 -20.51
C7 XPD C . -23.00 3.98 -12.75
C8 XPD C . -24.52 2.70 -11.42
C10 XPD C . -20.19 9.19 -19.05
C13 XPD C . -25.88 1.45 -9.77
C15 XPD C . -26.28 2.82 -9.32
C17 XPD C . -20.53 6.01 -16.28
C20 XPD C . -21.75 6.69 -16.87
C21 XPD C . -21.44 8.09 -17.35
C1 XPD C . -23.71 5.14 -12.47
C2 XPD C . -24.82 5.08 -11.66
C3 XPD C . -20.83 10.37 -18.70
C9 XPD C . -25.22 3.85 -11.14
C11 XPD C . -19.37 11.58 -20.16
C12 XPD C . -19.16 9.22 -19.96
C14 XPD C . -21.77 4.06 -13.62
C16 XPD C . -22.86 6.62 -15.85
C18 XPD C . -23.13 5.19 -15.45
C19 XPD C . -20.78 4.59 -15.80
N22 XPD C . -25.00 1.49 -10.84
N23 XPD C . -21.95 4.50 -14.93
O24 XPD C . -26.33 0.46 -9.21
O25 XPD C . -20.69 3.75 -13.13
O26 XPD C . -26.33 3.82 -10.33
O27 XPD C . -20.60 7.96 -18.51
F28 XPD C . -18.97 12.75 -20.70
CL29 XPD C . -18.32 7.80 -20.44
C ACT D . -9.97 -9.59 7.81
O ACT D . -10.96 -9.41 8.51
OXT ACT D . -9.80 -10.60 7.10
CH3 ACT D . -8.87 -8.52 7.80
C1 MPD E . 10.29 -3.73 18.90
C2 MPD E . 11.56 -4.37 18.38
O2 MPD E . 12.34 -3.33 17.75
CM MPD E . 12.39 -4.95 19.52
C3 MPD E . 11.30 -5.44 17.31
C4 MPD E . 9.88 -5.98 17.22
O4 MPD E . 9.64 -6.41 15.87
C5 MPD E . 9.56 -7.09 18.17
C1 MPD F . 16.33 -7.83 21.40
C2 MPD F . 15.10 -7.93 22.28
O2 MPD F . 15.31 -7.11 23.43
CM MPD F . 13.89 -7.34 21.57
C3 MPD F . 14.86 -9.35 22.79
C4 MPD F . 13.78 -10.20 22.13
O4 MPD F . 13.99 -10.20 20.72
C5 MPD F . 13.67 -11.62 22.61
C1 MPD G . 10.24 -0.17 12.25
C2 MPD G . 8.99 0.16 13.06
O2 MPD G . 9.00 1.58 13.27
CM MPD G . 7.73 -0.15 12.27
C3 MPD G . 8.99 -0.55 14.41
C4 MPD G . 8.98 -2.06 14.32
O4 MPD G . 10.02 -2.56 15.16
C5 MPD G . 7.67 -2.72 14.68
C1 MPD H . 4.11 4.13 1.70
C2 MPD H . 3.59 3.88 0.28
O2 MPD H . 4.01 4.98 -0.54
CM MPD H . 4.21 2.63 -0.33
C3 MPD H . 2.05 3.86 0.21
C4 MPD H . 1.27 2.99 1.18
O4 MPD H . 0.66 3.81 2.20
C5 MPD H . 0.22 2.12 0.53
C ACT I . 20.77 6.21 -10.09
O ACT I . 19.56 6.52 -10.01
OXT ACT I . 21.70 6.97 -9.73
CH3 ACT I . 21.12 4.83 -10.65
#